data_1ORJ
#
_entry.id   1ORJ
#
_cell.length_a   87.070
_cell.length_b   131.760
_cell.length_c   74.898
_cell.angle_alpha   90
_cell.angle_beta   90
_cell.angle_gamma   90
#
_symmetry.space_group_name_H-M   'P 21 21 2'
#
loop_
_entity.id
_entity.type
_entity.pdbx_description
1 polymer 'flagellar protein FliS'
2 water water
#
_entity_poly.entity_id   1
_entity_poly.type   'polypeptide(L)'
_entity_poly.pdbx_seq_one_letter_code
;MRNIAEAYFQNMVETATPLEQIILLYDKAIECLERAIEIYDQVNELEKRKEFVENIDRVYDIISALKSFLDHEKGKEIAK
NLDTIYTIILNTLVKVDKTKEELQKILEILKDLREAWEEVKKKVHHHHHH
;
_entity_poly.pdbx_strand_id   A,B,C,D
#
# COMPACT_ATOMS: atom_id res chain seq x y z
N ARG A 2 -15.40 -9.49 8.47
CA ARG A 2 -14.61 -9.05 9.63
C ARG A 2 -13.85 -7.77 9.25
N ASN A 3 -13.84 -6.84 10.18
CA ASN A 3 -13.39 -5.46 10.15
C ASN A 3 -12.72 -5.09 8.83
N ILE A 4 -13.41 -4.38 7.94
CA ILE A 4 -12.76 -4.13 6.64
C ILE A 4 -11.62 -3.13 6.80
N ALA A 5 -11.65 -2.38 7.89
CA ALA A 5 -10.61 -1.41 8.20
C ALA A 5 -9.22 -2.04 8.24
N GLU A 6 -9.13 -3.34 8.52
CA GLU A 6 -7.79 -3.94 8.59
C GLU A 6 -7.09 -3.99 7.23
N ALA A 7 -7.85 -3.79 6.18
CA ALA A 7 -7.40 -3.73 4.81
C ALA A 7 -6.39 -2.60 4.58
N TYR A 8 -6.64 -1.46 5.20
CA TYR A 8 -5.79 -0.29 5.13
C TYR A 8 -5.07 0.05 6.42
N PHE A 9 -5.68 -0.20 7.57
CA PHE A 9 -5.24 0.38 8.82
C PHE A 9 -4.86 -0.59 9.91
N GLN A 10 -4.12 -0.08 10.90
CA GLN A 10 -3.70 -0.94 12.02
C GLN A 10 -4.77 -0.90 13.11
N ASN A 11 -4.87 -2.03 13.80
CA ASN A 11 -5.82 -2.26 14.86
C ASN A 11 -6.10 -1.04 15.73
N MET A 12 -5.27 -0.64 16.68
CA MET A 12 -5.78 0.27 17.71
C MET A 12 -5.76 1.74 17.35
N VAL A 13 -5.97 2.11 16.10
CA VAL A 13 -5.93 3.53 15.70
C VAL A 13 -7.25 4.24 15.98
N GLU A 14 -7.17 5.48 16.48
CA GLU A 14 -8.38 6.29 16.72
C GLU A 14 -8.37 7.58 15.90
N THR A 15 -7.25 7.80 15.21
CA THR A 15 -7.11 8.94 14.31
C THR A 15 -7.93 8.71 13.05
N ALA A 16 -8.90 9.58 12.78
CA ALA A 16 -9.88 9.31 11.74
C ALA A 16 -9.63 9.97 10.40
N THR A 17 -8.59 10.80 10.29
CA THR A 17 -8.34 11.47 9.01
C THR A 17 -8.07 10.52 7.85
N PRO A 18 -7.24 9.49 7.97
CA PRO A 18 -7.02 8.59 6.82
C PRO A 18 -8.28 7.79 6.48
N LEU A 19 -9.06 7.41 7.48
CA LEU A 19 -10.29 6.65 7.23
C LEU A 19 -11.27 7.50 6.42
N GLU A 20 -11.29 8.78 6.69
CA GLU A 20 -12.16 9.72 5.99
C GLU A 20 -11.72 9.91 4.55
N GLN A 21 -10.42 9.79 4.32
CA GLN A 21 -9.92 9.87 2.95
C GLN A 21 -10.37 8.66 2.16
N ILE A 22 -10.35 7.48 2.76
CA ILE A 22 -10.84 6.29 2.04
C ILE A 22 -12.28 6.51 1.61
N ILE A 23 -13.12 6.94 2.54
CA ILE A 23 -14.54 7.14 2.24
C ILE A 23 -14.73 8.19 1.14
N LEU A 24 -13.88 9.21 1.13
CA LEU A 24 -13.92 10.26 0.14
C LEU A 24 -13.66 9.70 -1.26
N LEU A 25 -12.65 8.83 -1.28
CA LEU A 25 -12.27 8.23 -2.55
C LEU A 25 -13.44 7.41 -3.08
N TYR A 26 -14.06 6.62 -2.21
CA TYR A 26 -15.24 5.84 -2.57
C TYR A 26 -16.37 6.72 -3.10
N ASP A 27 -16.65 7.77 -2.35
CA ASP A 27 -17.62 8.77 -2.74
C ASP A 27 -17.38 9.22 -4.18
N LYS A 28 -16.14 9.60 -4.48
CA LYS A 28 -15.86 10.18 -5.79
C LYS A 28 -15.98 9.15 -6.91
N ALA A 29 -15.57 7.92 -6.64
CA ALA A 29 -15.63 6.85 -7.62
C ALA A 29 -17.08 6.50 -7.93
N ILE A 30 -17.92 6.54 -6.91
CA ILE A 30 -19.31 6.11 -7.11
C ILE A 30 -20.09 7.10 -7.96
N GLU A 31 -19.96 8.37 -7.64
CA GLU A 31 -20.51 9.49 -8.41
C GLU A 31 -20.00 9.55 -9.84
N CYS A 32 -18.75 9.20 -10.12
CA CYS A 32 -18.29 9.23 -11.51
C CYS A 32 -18.80 8.02 -12.30
N LEU A 33 -19.00 6.92 -11.59
CA LEU A 33 -19.50 5.67 -12.16
C LEU A 33 -20.97 5.80 -12.53
N GLU A 34 -21.70 6.49 -11.66
CA GLU A 34 -23.11 6.80 -11.84
C GLU A 34 -23.32 7.68 -13.08
N ARG A 35 -22.47 8.70 -13.21
CA ARG A 35 -22.51 9.54 -14.38
C ARG A 35 -22.32 8.71 -15.65
N ALA A 36 -21.26 7.92 -15.65
CA ALA A 36 -20.94 7.11 -16.83
C ALA A 36 -22.09 6.16 -17.12
N ILE A 37 -22.74 5.67 -16.07
CA ILE A 37 -23.83 4.74 -16.38
C ILE A 37 -24.96 5.53 -17.04
N GLU A 38 -25.21 6.71 -16.46
CA GLU A 38 -26.29 7.60 -16.86
C GLU A 38 -26.21 7.93 -18.35
N ILE A 39 -24.98 8.07 -18.86
CA ILE A 39 -24.80 8.44 -20.25
C ILE A 39 -24.21 7.32 -21.10
N TYR A 40 -24.27 6.07 -20.63
CA TYR A 40 -23.73 4.97 -21.43
C TYR A 40 -24.36 4.92 -22.82
N ASP A 41 -25.67 5.12 -22.87
CA ASP A 41 -26.42 4.86 -24.10
C ASP A 41 -26.25 5.93 -25.17
N GLN A 42 -25.62 7.05 -24.83
CA GLN A 42 -25.50 8.18 -25.74
C GLN A 42 -24.10 8.38 -26.26
N VAL A 43 -23.28 7.33 -26.26
CA VAL A 43 -21.88 7.53 -26.60
C VAL A 43 -21.64 7.62 -28.09
N ASN A 44 -22.73 7.65 -28.87
CA ASN A 44 -22.55 7.95 -30.30
C ASN A 44 -22.21 9.44 -30.38
N GLU A 45 -23.01 10.20 -29.66
CA GLU A 45 -22.84 11.60 -29.30
C GLU A 45 -21.40 11.88 -28.89
N LEU A 46 -20.53 12.34 -29.78
CA LEU A 46 -19.13 12.49 -29.44
C LEU A 46 -18.88 13.31 -28.17
N GLU A 47 -19.83 14.15 -27.75
CA GLU A 47 -19.57 14.86 -26.50
C GLU A 47 -19.76 13.91 -25.33
N LYS A 48 -20.91 13.23 -25.28
CA LYS A 48 -21.20 12.29 -24.21
C LYS A 48 -20.16 11.17 -24.18
N ARG A 49 -19.70 10.76 -25.35
CA ARG A 49 -18.67 9.72 -25.38
C ARG A 49 -17.45 10.20 -24.59
N LYS A 50 -17.04 11.44 -24.84
CA LYS A 50 -15.82 11.95 -24.24
C LYS A 50 -15.98 12.05 -22.73
N GLU A 51 -17.15 12.52 -22.31
CA GLU A 51 -17.43 12.57 -20.89
C GLU A 51 -17.52 11.18 -20.28
N PHE A 52 -17.87 10.21 -21.11
CA PHE A 52 -18.00 8.84 -20.60
C PHE A 52 -16.63 8.24 -20.31
N VAL A 53 -15.74 8.47 -21.28
CA VAL A 53 -14.36 8.01 -21.22
C VAL A 53 -13.61 8.65 -20.06
N GLU A 54 -13.92 9.91 -19.78
CA GLU A 54 -13.30 10.65 -18.70
C GLU A 54 -13.79 10.15 -17.35
N ASN A 55 -15.08 9.85 -17.24
CA ASN A 55 -15.61 9.36 -15.98
C ASN A 55 -15.10 7.95 -15.68
N ILE A 56 -14.95 7.15 -16.71
CA ILE A 56 -14.42 5.80 -16.53
C ILE A 56 -12.93 5.82 -16.16
N ASP A 57 -12.17 6.77 -16.70
CA ASP A 57 -10.78 7.00 -16.32
C ASP A 57 -10.68 7.30 -14.82
N ARG A 58 -11.62 8.09 -14.34
CA ARG A 58 -11.62 8.55 -12.96
C ARG A 58 -11.95 7.41 -12.01
N VAL A 59 -12.91 6.57 -12.41
CA VAL A 59 -13.22 5.41 -11.60
C VAL A 59 -12.02 4.47 -11.54
N TYR A 60 -11.39 4.28 -12.69
CA TYR A 60 -10.23 3.42 -12.84
C TYR A 60 -9.05 3.96 -12.04
N ASP A 61 -8.74 5.25 -12.07
CA ASP A 61 -7.66 5.84 -11.28
C ASP A 61 -7.93 5.77 -9.79
N ILE A 62 -9.15 6.04 -9.36
CA ILE A 62 -9.41 5.98 -7.91
C ILE A 62 -9.39 4.56 -7.38
N ILE A 63 -9.93 3.60 -8.12
CA ILE A 63 -9.92 2.22 -7.64
C ILE A 63 -8.51 1.63 -7.70
N SER A 64 -7.73 2.09 -8.68
CA SER A 64 -6.35 1.64 -8.79
C SER A 64 -5.57 2.11 -7.55
N ALA A 65 -5.83 3.34 -7.15
CA ALA A 65 -5.23 3.93 -5.97
C ALA A 65 -5.68 3.14 -4.75
N LEU A 66 -7.00 3.01 -4.62
CA LEU A 66 -7.59 2.24 -3.53
C LEU A 66 -6.95 0.87 -3.44
N LYS A 67 -6.74 0.22 -4.58
CA LYS A 67 -6.12 -1.10 -4.51
C LYS A 67 -4.65 -1.04 -4.11
N SER A 68 -3.92 0.00 -4.55
CA SER A 68 -2.49 -0.16 -4.27
C SER A 68 -2.17 0.40 -2.87
N PHE A 69 -3.05 1.19 -2.29
CA PHE A 69 -2.97 1.66 -0.92
C PHE A 69 -3.17 0.50 0.06
N LEU A 70 -3.60 -0.66 -0.43
CA LEU A 70 -3.94 -1.77 0.44
C LEU A 70 -2.77 -2.30 1.25
N ASP A 71 -3.01 -2.62 2.52
CA ASP A 71 -1.96 -3.18 3.36
C ASP A 71 -1.89 -4.69 3.20
N HIS A 72 -1.16 -5.14 2.18
CA HIS A 72 -1.02 -6.56 1.92
C HIS A 72 -0.23 -7.28 2.99
N GLU A 73 0.80 -6.61 3.52
CA GLU A 73 1.70 -7.27 4.46
C GLU A 73 1.02 -7.58 5.80
N LYS A 74 0.28 -6.62 6.32
CA LYS A 74 -0.38 -6.70 7.61
C LYS A 74 -1.90 -6.77 7.54
N GLY A 75 -2.47 -6.82 6.34
CA GLY A 75 -3.90 -6.70 6.19
C GLY A 75 -4.60 -8.05 6.13
N LYS A 76 -3.85 -9.14 6.20
CA LYS A 76 -4.45 -10.47 6.36
C LYS A 76 -5.26 -10.88 5.15
N GLU A 77 -6.21 -11.80 5.29
CA GLU A 77 -7.09 -12.21 4.20
C GLU A 77 -7.98 -11.04 3.81
N ILE A 78 -8.13 -10.10 4.73
CA ILE A 78 -9.03 -9.00 4.46
C ILE A 78 -8.51 -8.08 3.37
N ALA A 79 -7.22 -7.77 3.39
CA ALA A 79 -6.66 -6.95 2.32
C ALA A 79 -6.71 -7.78 1.03
N LYS A 80 -6.36 -9.06 1.16
CA LYS A 80 -6.28 -9.89 -0.03
C LYS A 80 -7.63 -9.96 -0.75
N ASN A 81 -8.69 -10.13 0.02
CA ASN A 81 -10.04 -10.23 -0.50
C ASN A 81 -10.47 -8.92 -1.13
N LEU A 82 -10.09 -7.82 -0.48
CA LEU A 82 -10.45 -6.53 -1.05
C LEU A 82 -9.75 -6.38 -2.41
N ASP A 83 -8.52 -6.86 -2.45
CA ASP A 83 -7.72 -6.77 -3.66
C ASP A 83 -8.37 -7.54 -4.80
N THR A 84 -8.96 -8.69 -4.44
CA THR A 84 -9.62 -9.56 -5.41
C THR A 84 -10.79 -8.85 -6.08
N ILE A 85 -11.63 -8.23 -5.26
CA ILE A 85 -12.76 -7.47 -5.73
C ILE A 85 -12.31 -6.26 -6.53
N TYR A 86 -11.38 -5.44 -6.03
CA TYR A 86 -10.86 -4.33 -6.82
C TYR A 86 -10.34 -4.82 -8.18
N THR A 87 -9.60 -5.92 -8.16
CA THR A 87 -9.05 -6.41 -9.42
C THR A 87 -10.14 -6.70 -10.45
N ILE A 88 -11.24 -7.30 -9.98
CA ILE A 88 -12.33 -7.65 -10.89
C ILE A 88 -12.93 -6.37 -11.45
N ILE A 89 -13.15 -5.41 -10.57
CA ILE A 89 -13.70 -4.13 -11.00
C ILE A 89 -12.81 -3.53 -12.08
N LEU A 90 -11.52 -3.46 -11.81
CA LEU A 90 -10.55 -2.87 -12.72
C LEU A 90 -10.57 -3.58 -14.07
N ASN A 91 -10.58 -4.91 -14.05
CA ASN A 91 -10.61 -5.67 -15.29
C ASN A 91 -11.89 -5.38 -16.08
N THR A 92 -12.97 -5.03 -15.38
CA THR A 92 -14.25 -4.73 -15.98
C THR A 92 -14.22 -3.36 -16.64
N LEU A 93 -13.65 -2.36 -15.94
CA LEU A 93 -13.55 -1.03 -16.54
C LEU A 93 -12.69 -1.03 -17.79
N VAL A 94 -11.70 -1.90 -17.90
CA VAL A 94 -10.78 -1.84 -19.03
C VAL A 94 -11.34 -2.57 -20.24
N LYS A 95 -12.35 -3.42 -20.07
CA LYS A 95 -12.96 -4.15 -21.17
C LYS A 95 -13.51 -3.22 -22.24
N VAL A 96 -13.12 -3.45 -23.50
CA VAL A 96 -13.61 -2.58 -24.57
C VAL A 96 -15.08 -2.84 -24.84
N ASP A 97 -15.58 -4.04 -24.57
CA ASP A 97 -17.00 -4.26 -24.84
C ASP A 97 -17.79 -4.36 -23.55
N LYS A 98 -17.42 -3.54 -22.55
CA LYS A 98 -18.15 -3.67 -21.29
C LYS A 98 -19.61 -3.29 -21.51
N THR A 99 -20.52 -3.93 -20.75
CA THR A 99 -21.93 -3.61 -20.83
C THR A 99 -22.40 -2.72 -19.67
N LYS A 100 -23.56 -2.12 -19.86
CA LYS A 100 -24.12 -1.18 -18.90
C LYS A 100 -24.48 -1.91 -17.60
N GLU A 101 -24.85 -3.16 -17.83
CA GLU A 101 -25.19 -4.12 -16.80
C GLU A 101 -23.99 -4.36 -15.90
N GLU A 102 -22.84 -4.66 -16.52
CA GLU A 102 -21.74 -4.99 -15.59
C GLU A 102 -21.30 -3.73 -14.85
N LEU A 103 -21.40 -2.54 -15.43
CA LEU A 103 -21.07 -1.33 -14.69
C LEU A 103 -22.06 -1.07 -13.56
N GLN A 104 -23.31 -1.42 -13.76
CA GLN A 104 -24.36 -1.14 -12.77
C GLN A 104 -24.11 -1.95 -11.50
N LYS A 105 -23.70 -3.19 -11.73
CA LYS A 105 -23.37 -4.16 -10.70
C LYS A 105 -22.17 -3.69 -9.87
N ILE A 106 -21.11 -3.34 -10.59
CA ILE A 106 -19.92 -2.81 -9.94
C ILE A 106 -20.32 -1.64 -9.04
N LEU A 107 -21.26 -0.86 -9.53
CA LEU A 107 -21.71 0.30 -8.76
C LEU A 107 -22.39 -0.12 -7.47
N GLU A 108 -23.17 -1.21 -7.55
CA GLU A 108 -23.79 -1.70 -6.33
C GLU A 108 -22.70 -2.09 -5.33
N ILE A 109 -21.70 -2.77 -5.87
CA ILE A 109 -20.57 -3.24 -5.08
C ILE A 109 -19.81 -2.08 -4.44
N LEU A 110 -19.58 -1.02 -5.20
CA LEU A 110 -18.88 0.10 -4.59
C LEU A 110 -19.71 0.64 -3.44
N LYS A 111 -21.01 0.66 -3.69
CA LYS A 111 -21.95 1.16 -2.67
C LYS A 111 -21.96 0.26 -1.45
N ASP A 112 -21.91 -1.05 -1.58
CA ASP A 112 -21.90 -1.89 -0.37
C ASP A 112 -20.62 -1.70 0.43
N LEU A 113 -19.49 -1.66 -0.26
CA LEU A 113 -18.20 -1.41 0.37
C LEU A 113 -18.25 -0.08 1.13
N ARG A 114 -18.67 0.96 0.43
CA ARG A 114 -18.75 2.27 1.06
C ARG A 114 -19.58 2.25 2.35
N GLU A 115 -20.55 1.35 2.40
CA GLU A 115 -21.42 1.26 3.56
C GLU A 115 -20.66 0.57 4.69
N ALA A 116 -19.88 -0.44 4.30
CA ALA A 116 -19.01 -1.08 5.27
C ALA A 116 -18.06 -0.08 5.90
N TRP A 117 -17.58 0.90 5.13
CA TRP A 117 -16.62 1.87 5.63
C TRP A 117 -17.24 2.93 6.53
N GLU A 118 -18.42 3.42 6.16
CA GLU A 118 -19.07 4.48 6.94
C GLU A 118 -19.39 3.99 8.35
N GLU A 119 -19.63 2.69 8.41
CA GLU A 119 -19.98 1.99 9.64
C GLU A 119 -18.75 1.56 10.44
N VAL A 120 -17.56 1.62 9.85
CA VAL A 120 -16.32 1.42 10.59
C VAL A 120 -16.06 2.73 11.36
N LYS A 121 -16.16 3.78 10.56
CA LYS A 121 -16.11 5.16 10.97
C LYS A 121 -17.08 5.40 12.13
N LYS A 122 -18.29 4.88 12.00
CA LYS A 122 -19.25 5.01 13.09
C LYS A 122 -18.70 4.35 14.35
N LYS A 123 -18.13 3.16 14.19
CA LYS A 123 -17.60 2.38 15.30
C LYS A 123 -16.42 3.04 15.98
N VAL A 124 -15.57 3.78 15.27
CA VAL A 124 -14.37 4.31 15.89
C VAL A 124 -14.64 5.58 16.70
N HIS A 125 -15.62 6.39 16.28
CA HIS A 125 -15.94 7.61 17.02
C HIS A 125 -16.54 7.25 18.37
N HIS A 126 -17.45 6.28 18.39
CA HIS A 126 -18.13 5.80 19.57
C HIS A 126 -17.19 5.06 20.52
N HIS A 127 -15.94 4.88 20.10
CA HIS A 127 -14.89 4.30 20.92
C HIS A 127 -13.89 5.36 21.38
N PRO B 18 16.60 20.20 1.02
CA PRO B 18 16.32 18.89 1.65
C PRO B 18 17.46 18.47 2.57
N LEU B 19 18.13 19.46 3.13
CA LEU B 19 19.28 19.29 4.00
C LEU B 19 18.96 18.56 5.31
N GLU B 20 17.83 18.91 5.90
CA GLU B 20 17.35 18.31 7.14
C GLU B 20 17.21 16.80 6.96
N GLN B 21 16.57 16.45 5.86
CA GLN B 21 16.39 15.03 5.53
C GLN B 21 17.72 14.38 5.24
N ILE B 22 18.59 15.10 4.54
CA ILE B 22 19.85 14.44 4.24
C ILE B 22 20.64 14.15 5.49
N ILE B 23 20.71 15.07 6.45
CA ILE B 23 21.57 14.87 7.62
C ILE B 23 20.99 13.90 8.66
N LEU B 24 19.68 13.88 8.83
CA LEU B 24 19.04 12.82 9.61
C LEU B 24 19.42 11.45 9.08
N LEU B 25 19.43 11.28 7.77
CA LEU B 25 19.77 9.98 7.16
C LEU B 25 21.22 9.61 7.47
N TYR B 26 22.12 10.58 7.37
CA TYR B 26 23.53 10.33 7.74
C TYR B 26 23.60 9.93 9.21
N ASP B 27 22.85 10.68 10.02
CA ASP B 27 22.76 10.38 11.43
C ASP B 27 22.39 8.92 11.66
N LYS B 28 21.30 8.48 11.04
CA LYS B 28 20.85 7.10 11.24
C LYS B 28 21.83 6.08 10.70
N ALA B 29 22.42 6.40 9.53
CA ALA B 29 23.33 5.39 9.00
C ALA B 29 24.53 5.19 9.93
N ILE B 30 24.99 6.28 10.55
CA ILE B 30 26.17 6.22 11.41
C ILE B 30 25.89 5.43 12.69
N GLU B 31 24.75 5.74 13.31
CA GLU B 31 24.26 5.04 14.48
C GLU B 31 24.19 3.53 14.24
N CYS B 32 23.58 3.13 13.13
CA CYS B 32 23.45 1.68 12.86
C CYS B 32 24.78 1.05 12.51
N LEU B 33 25.63 1.79 11.80
CA LEU B 33 26.93 1.17 11.47
C LEU B 33 27.74 1.01 12.74
N GLU B 34 27.70 2.06 13.56
CA GLU B 34 28.40 1.99 14.84
C GLU B 34 27.95 0.75 15.61
N ARG B 35 26.64 0.58 15.75
CA ARG B 35 26.17 -0.63 16.45
C ARG B 35 26.71 -1.87 15.77
N ALA B 36 26.63 -1.91 14.44
CA ALA B 36 27.13 -3.10 13.77
C ALA B 36 28.62 -3.30 14.03
N ILE B 37 29.40 -2.22 14.02
CA ILE B 37 30.84 -2.45 14.27
C ILE B 37 31.01 -2.93 15.70
N GLU B 38 30.23 -2.38 16.62
CA GLU B 38 30.31 -2.80 18.02
C GLU B 38 30.04 -4.28 18.20
N ILE B 39 29.18 -4.94 17.41
CA ILE B 39 29.01 -6.37 17.74
C ILE B 39 29.60 -7.28 16.68
N TYR B 40 30.31 -6.72 15.72
CA TYR B 40 30.91 -7.52 14.65
C TYR B 40 31.70 -8.69 15.25
N ASP B 41 32.43 -8.44 16.33
CA ASP B 41 33.31 -9.48 16.86
C ASP B 41 32.54 -10.57 17.60
N GLN B 42 31.24 -10.38 17.83
CA GLN B 42 30.43 -11.39 18.49
C GLN B 42 29.36 -12.04 17.65
N VAL B 43 29.43 -12.02 16.32
CA VAL B 43 28.36 -12.64 15.51
C VAL B 43 28.48 -14.16 15.56
N ASN B 44 29.45 -14.70 16.29
CA ASN B 44 29.45 -16.13 16.61
C ASN B 44 28.25 -16.44 17.49
N GLU B 45 27.73 -15.42 18.16
CA GLU B 45 26.48 -15.44 18.87
C GLU B 45 25.30 -15.11 17.95
N LEU B 46 24.45 -16.09 17.68
CA LEU B 46 23.27 -15.97 16.84
C LEU B 46 22.51 -14.66 17.04
N GLU B 47 22.10 -14.40 18.28
CA GLU B 47 21.35 -13.19 18.58
C GLU B 47 22.08 -11.96 18.08
N LYS B 48 23.41 -12.02 18.13
CA LYS B 48 24.23 -10.87 17.74
C LYS B 48 24.36 -10.85 16.22
N ARG B 49 24.59 -12.02 15.66
CA ARG B 49 24.63 -12.16 14.22
C ARG B 49 23.39 -11.54 13.58
N LYS B 50 22.24 -11.88 14.14
CA LYS B 50 20.95 -11.41 13.66
C LYS B 50 20.81 -9.90 13.76
N GLU B 51 21.20 -9.35 14.92
CA GLU B 51 21.17 -7.89 15.05
C GLU B 51 22.17 -7.26 14.12
N PHE B 52 23.28 -7.93 13.83
CA PHE B 52 24.29 -7.32 12.96
C PHE B 52 23.71 -7.16 11.56
N VAL B 53 23.17 -8.26 11.03
CA VAL B 53 22.60 -8.21 9.69
C VAL B 53 21.47 -7.18 9.60
N GLU B 54 20.69 -6.99 10.67
CA GLU B 54 19.63 -6.00 10.62
C GLU B 54 20.17 -4.58 10.55
N ASN B 55 21.35 -4.34 11.14
CA ASN B 55 21.85 -2.97 11.13
C ASN B 55 22.49 -2.65 9.78
N ILE B 56 23.15 -3.64 9.18
CA ILE B 56 23.73 -3.48 7.85
C ILE B 56 22.64 -3.22 6.82
N ASP B 57 21.55 -3.99 6.82
CA ASP B 57 20.46 -3.73 5.88
C ASP B 57 19.93 -2.31 6.05
N ARG B 58 19.81 -1.86 7.30
CA ARG B 58 19.30 -0.50 7.46
C ARG B 58 20.31 0.50 6.88
N VAL B 59 21.60 0.20 7.06
CA VAL B 59 22.56 1.17 6.52
C VAL B 59 22.47 1.15 5.00
N TYR B 60 22.42 -0.05 4.43
CA TYR B 60 22.21 -0.22 2.99
C TYR B 60 21.04 0.64 2.55
N ASP B 61 19.89 0.46 3.22
CA ASP B 61 18.72 1.19 2.76
C ASP B 61 18.89 2.69 2.89
N ILE B 62 19.64 3.12 3.92
CA ILE B 62 19.75 4.56 4.14
C ILE B 62 20.66 5.20 3.10
N ILE B 63 21.75 4.52 2.74
CA ILE B 63 22.69 4.98 1.72
C ILE B 63 21.98 4.98 0.35
N SER B 64 21.20 3.92 0.08
CA SER B 64 20.39 3.87 -1.13
C SER B 64 19.51 5.10 -1.21
N ALA B 65 18.85 5.45 -0.11
CA ALA B 65 18.03 6.67 -0.17
C ALA B 65 18.85 7.92 -0.36
N LEU B 66 20.09 7.95 0.13
CA LEU B 66 20.94 9.14 -0.04
C LEU B 66 21.31 9.33 -1.52
N LYS B 67 21.68 8.24 -2.18
CA LYS B 67 21.93 8.24 -3.61
C LYS B 67 20.84 8.99 -4.38
N SER B 68 19.59 8.78 -3.98
CA SER B 68 18.49 9.30 -4.78
C SER B 68 18.45 10.81 -4.79
N PHE B 69 19.16 11.40 -3.81
CA PHE B 69 19.20 12.86 -3.78
C PHE B 69 20.01 13.38 -4.96
N LEU B 70 20.79 12.50 -5.59
CA LEU B 70 21.64 12.84 -6.72
C LEU B 70 21.00 12.58 -8.09
N ASP B 71 19.79 12.05 -8.19
CA ASP B 71 19.16 11.66 -9.43
C ASP B 71 19.24 12.72 -10.55
N HIS B 72 19.05 13.96 -10.20
CA HIS B 72 19.10 15.12 -11.09
C HIS B 72 20.32 16.02 -10.91
N GLU B 73 21.43 15.50 -10.38
CA GLU B 73 22.59 16.27 -9.98
C GLU B 73 23.85 15.72 -10.63
N LYS B 74 23.71 14.54 -11.25
CA LYS B 74 24.87 13.99 -11.97
C LYS B 74 25.16 14.96 -13.10
N GLY B 75 26.39 15.02 -13.62
CA GLY B 75 26.53 16.21 -14.48
C GLY B 75 27.27 17.29 -13.71
N LYS B 76 27.10 17.31 -12.39
CA LYS B 76 28.00 17.99 -11.47
C LYS B 76 29.03 16.95 -11.06
N GLU B 77 30.32 17.22 -11.21
CA GLU B 77 31.28 16.13 -10.95
C GLU B 77 31.27 15.71 -9.49
N ILE B 78 30.94 16.67 -8.63
CA ILE B 78 30.90 16.40 -7.19
C ILE B 78 29.86 15.34 -6.85
N ALA B 79 28.66 15.49 -7.41
CA ALA B 79 27.60 14.49 -7.31
C ALA B 79 28.10 13.15 -7.84
N LYS B 80 28.79 13.16 -8.99
CA LYS B 80 29.27 11.85 -9.46
C LYS B 80 30.27 11.29 -8.46
N ASN B 81 30.95 12.14 -7.70
CA ASN B 81 31.92 11.66 -6.73
C ASN B 81 31.24 10.99 -5.54
N LEU B 82 30.29 11.72 -4.96
CA LEU B 82 29.44 11.23 -3.87
C LEU B 82 28.89 9.87 -4.25
N ASP B 83 28.20 9.88 -5.39
CA ASP B 83 27.52 8.68 -5.86
C ASP B 83 28.45 7.48 -5.93
N THR B 84 29.69 7.72 -6.33
CA THR B 84 30.65 6.63 -6.43
C THR B 84 31.03 6.17 -5.04
N ILE B 85 30.94 7.14 -4.12
CA ILE B 85 31.26 6.84 -2.72
C ILE B 85 30.15 5.97 -2.13
N TYR B 86 28.93 6.42 -2.36
CA TYR B 86 27.75 5.64 -1.93
C TYR B 86 27.85 4.23 -2.48
N THR B 87 28.20 4.14 -3.76
CA THR B 87 28.30 2.85 -4.46
C THR B 87 29.28 1.90 -3.80
N ILE B 88 30.48 2.39 -3.51
CA ILE B 88 31.48 1.57 -2.83
C ILE B 88 31.04 1.15 -1.44
N ILE B 89 30.35 2.03 -0.73
CA ILE B 89 29.79 1.62 0.56
C ILE B 89 28.83 0.45 0.37
N LEU B 90 27.86 0.57 -0.53
CA LEU B 90 26.92 -0.52 -0.75
C LEU B 90 27.64 -1.81 -1.12
N ASN B 91 28.65 -1.67 -1.99
CA ASN B 91 29.37 -2.88 -2.38
C ASN B 91 30.02 -3.50 -1.15
N THR B 92 30.50 -2.65 -0.24
CA THR B 92 31.22 -3.15 0.92
C THR B 92 30.28 -3.81 1.93
N LEU B 93 29.14 -3.16 2.18
CA LEU B 93 28.15 -3.72 3.10
C LEU B 93 27.76 -5.14 2.79
N VAL B 94 27.62 -5.55 1.52
CA VAL B 94 27.07 -6.88 1.26
C VAL B 94 28.09 -7.93 0.87
N LYS B 95 29.36 -7.54 0.70
CA LYS B 95 30.33 -8.55 0.22
C LYS B 95 30.69 -9.55 1.30
N VAL B 96 31.16 -10.74 0.91
CA VAL B 96 31.50 -11.75 1.92
C VAL B 96 32.86 -11.50 2.55
N ASP B 97 33.82 -10.94 1.83
CA ASP B 97 35.14 -10.69 2.40
C ASP B 97 35.25 -9.29 2.95
N LYS B 98 34.34 -8.91 3.84
CA LYS B 98 34.48 -7.59 4.46
C LYS B 98 35.10 -7.78 5.84
N THR B 99 35.74 -6.75 6.34
CA THR B 99 36.40 -6.77 7.64
C THR B 99 35.85 -5.65 8.50
N LYS B 100 36.04 -5.77 9.81
CA LYS B 100 35.65 -4.72 10.75
C LYS B 100 36.23 -3.39 10.34
N GLU B 101 37.45 -3.41 9.81
CA GLU B 101 38.14 -2.13 9.58
C GLU B 101 37.58 -1.44 8.34
N GLU B 102 37.16 -2.23 7.36
CA GLU B 102 36.44 -1.72 6.20
C GLU B 102 35.22 -0.94 6.69
N LEU B 103 34.49 -1.62 7.57
CA LEU B 103 33.31 -0.91 8.09
C LEU B 103 33.75 0.33 8.84
N GLN B 104 34.86 0.16 9.59
CA GLN B 104 35.34 1.30 10.39
C GLN B 104 35.71 2.47 9.49
N LYS B 105 36.35 2.19 8.35
CA LYS B 105 36.63 3.30 7.43
C LYS B 105 35.34 3.91 6.89
N ILE B 106 34.38 3.05 6.56
CA ILE B 106 33.13 3.61 6.02
C ILE B 106 32.52 4.54 7.05
N LEU B 107 32.59 4.09 8.31
CA LEU B 107 32.08 4.95 9.38
C LEU B 107 32.79 6.30 9.39
N GLU B 108 34.11 6.28 9.18
CA GLU B 108 34.84 7.55 9.20
C GLU B 108 34.43 8.42 8.02
N ILE B 109 34.27 7.81 6.84
CA ILE B 109 33.80 8.62 5.71
C ILE B 109 32.44 9.25 5.99
N LEU B 110 31.48 8.44 6.46
CA LEU B 110 30.14 8.99 6.70
C LEU B 110 30.19 10.15 7.69
N LYS B 111 31.02 9.97 8.71
CA LYS B 111 31.16 11.04 9.71
C LYS B 111 31.74 12.28 9.06
N ASP B 112 32.78 12.10 8.23
CA ASP B 112 33.28 13.32 7.57
C ASP B 112 32.21 13.93 6.68
N LEU B 113 31.54 13.13 5.83
CA LEU B 113 30.52 13.72 4.94
C LEU B 113 29.43 14.46 5.71
N ARG B 114 28.92 13.87 6.79
CA ARG B 114 27.85 14.56 7.53
C ARG B 114 28.34 15.87 8.10
N GLU B 115 29.59 15.88 8.57
CA GLU B 115 30.23 17.11 9.00
C GLU B 115 30.07 18.17 7.90
N ALA B 116 30.53 17.83 6.71
CA ALA B 116 30.46 18.71 5.56
C ALA B 116 29.03 19.16 5.25
N TRP B 117 28.05 18.26 5.38
CA TRP B 117 26.68 18.70 5.11
C TRP B 117 26.20 19.59 6.26
N GLU B 118 26.74 19.32 7.45
CA GLU B 118 26.36 20.19 8.56
C GLU B 118 26.88 21.59 8.30
N GLU B 119 28.16 21.67 7.94
CA GLU B 119 28.80 22.92 7.55
C GLU B 119 27.94 23.63 6.51
N VAL B 120 27.58 22.93 5.44
CA VAL B 120 26.74 23.52 4.40
C VAL B 120 25.43 24.08 4.96
N LYS B 121 24.97 23.56 6.09
CA LYS B 121 23.73 23.90 6.77
C LYS B 121 23.76 25.29 7.41
N LYS B 122 24.93 25.93 7.42
CA LYS B 122 24.99 27.26 8.04
C LYS B 122 25.81 28.23 7.20
N PRO C 18 -24.86 -8.09 0.30
CA PRO C 18 -23.96 -7.84 -0.84
C PRO C 18 -24.10 -8.93 -1.90
N LEU C 19 -25.33 -9.35 -2.11
CA LEU C 19 -25.79 -10.35 -3.05
C LEU C 19 -25.24 -10.12 -4.45
N GLU C 20 -25.13 -8.85 -4.79
CA GLU C 20 -24.60 -8.37 -6.07
C GLU C 20 -23.13 -8.77 -6.16
N GLN C 21 -22.36 -8.28 -5.19
CA GLN C 21 -20.96 -8.67 -5.06
C GLN C 21 -20.81 -10.18 -5.14
N ILE C 22 -21.56 -10.85 -4.27
CA ILE C 22 -21.39 -12.31 -4.24
C ILE C 22 -21.76 -12.94 -5.56
N ILE C 23 -22.64 -12.33 -6.36
CA ILE C 23 -23.02 -13.10 -7.56
C ILE C 23 -22.02 -12.87 -8.68
N LEU C 24 -21.48 -11.67 -8.74
CA LEU C 24 -20.39 -11.29 -9.62
C LEU C 24 -19.18 -12.20 -9.36
N LEU C 25 -18.86 -12.38 -8.08
CA LEU C 25 -17.76 -13.30 -7.76
C LEU C 25 -18.02 -14.70 -8.27
N TYR C 26 -19.25 -15.18 -8.11
CA TYR C 26 -19.61 -16.51 -8.63
C TYR C 26 -19.42 -16.55 -10.15
N ASP C 27 -19.85 -15.48 -10.81
CA ASP C 27 -19.71 -15.38 -12.25
C ASP C 27 -18.25 -15.51 -12.66
N LYS C 28 -17.41 -14.73 -11.99
CA LYS C 28 -15.99 -14.72 -12.35
C LYS C 28 -15.36 -16.06 -12.06
N ALA C 29 -15.72 -16.69 -10.94
CA ALA C 29 -15.08 -17.98 -10.68
C ALA C 29 -15.46 -18.98 -11.77
N ILE C 30 -16.73 -18.89 -12.17
CA ILE C 30 -17.27 -19.82 -13.16
C ILE C 30 -16.60 -19.59 -14.50
N GLU C 31 -16.50 -18.32 -14.87
CA GLU C 31 -15.81 -18.01 -16.12
C GLU C 31 -14.38 -18.51 -16.11
N CYS C 32 -13.63 -18.33 -15.01
CA CYS C 32 -12.23 -18.75 -14.99
C CYS C 32 -12.10 -20.26 -14.92
N LEU C 33 -13.01 -20.90 -14.19
CA LEU C 33 -12.98 -22.37 -14.11
C LEU C 33 -13.33 -22.98 -15.47
N GLU C 34 -14.33 -22.39 -16.13
CA GLU C 34 -14.72 -22.83 -17.47
C GLU C 34 -13.49 -22.80 -18.36
N ARG C 35 -12.85 -21.63 -18.43
CA ARG C 35 -11.62 -21.54 -19.21
C ARG C 35 -10.58 -22.56 -18.77
N ALA C 36 -10.44 -22.78 -17.46
CA ALA C 36 -9.38 -23.72 -17.07
C ALA C 36 -9.73 -25.13 -17.48
N ILE C 37 -11.04 -25.44 -17.44
CA ILE C 37 -11.41 -26.80 -17.86
C ILE C 37 -11.19 -26.95 -19.36
N GLU C 38 -11.52 -25.89 -20.09
CA GLU C 38 -11.39 -25.89 -21.54
C GLU C 38 -9.97 -26.18 -22.00
N ILE C 39 -8.93 -25.78 -21.26
CA ILE C 39 -7.57 -26.00 -21.76
C ILE C 39 -6.80 -27.04 -20.97
N TYR C 40 -7.44 -27.66 -19.99
CA TYR C 40 -6.86 -28.68 -19.11
C TYR C 40 -6.05 -29.67 -19.92
N ASP C 41 -6.67 -30.21 -20.97
CA ASP C 41 -6.01 -31.24 -21.76
C ASP C 41 -4.87 -30.69 -22.60
N GLN C 42 -4.71 -29.37 -22.68
CA GLN C 42 -3.63 -28.82 -23.49
C GLN C 42 -2.46 -28.32 -22.67
N VAL C 43 -2.43 -28.59 -21.36
CA VAL C 43 -1.35 -28.05 -20.55
C VAL C 43 0.01 -28.62 -20.94
N ASN C 44 0.06 -29.64 -21.79
CA ASN C 44 1.31 -30.07 -22.41
C ASN C 44 1.98 -28.89 -23.12
N GLU C 45 1.20 -27.94 -23.60
CA GLU C 45 1.74 -26.72 -24.19
C GLU C 45 1.96 -25.64 -23.13
N LEU C 46 3.16 -25.08 -23.09
CA LEU C 46 3.58 -24.16 -22.05
C LEU C 46 2.65 -22.96 -21.88
N GLU C 47 2.33 -22.23 -22.94
CA GLU C 47 1.47 -21.07 -22.75
C GLU C 47 0.11 -21.44 -22.17
N LYS C 48 -0.30 -22.69 -22.34
CA LYS C 48 -1.60 -23.14 -21.84
C LYS C 48 -1.50 -23.52 -20.37
N ARG C 49 -0.42 -24.22 -20.03
CA ARG C 49 -0.13 -24.55 -18.65
C ARG C 49 -0.15 -23.26 -17.81
N LYS C 50 0.63 -22.29 -18.29
CA LYS C 50 0.64 -21.00 -17.61
C LYS C 50 -0.75 -20.42 -17.50
N GLU C 51 -1.54 -20.49 -18.57
CA GLU C 51 -2.86 -19.88 -18.49
C GLU C 51 -3.78 -20.71 -17.59
N PHE C 52 -3.59 -22.01 -17.61
CA PHE C 52 -4.35 -22.88 -16.70
C PHE C 52 -4.09 -22.49 -15.26
N VAL C 53 -2.82 -22.45 -14.86
CA VAL C 53 -2.45 -22.02 -13.51
C VAL C 53 -2.99 -20.65 -13.18
N GLU C 54 -2.94 -19.68 -14.10
CA GLU C 54 -3.47 -18.36 -13.77
C GLU C 54 -4.96 -18.40 -13.43
N ASN C 55 -5.74 -19.22 -14.14
CA ASN C 55 -7.18 -19.25 -13.92
C ASN C 55 -7.53 -20.02 -12.64
N ILE C 56 -6.84 -21.12 -12.40
CA ILE C 56 -7.04 -21.83 -11.13
C ILE C 56 -6.72 -20.92 -9.95
N ASP C 57 -5.61 -20.18 -9.98
CA ASP C 57 -5.32 -19.22 -8.90
C ASP C 57 -6.43 -18.21 -8.75
N ARG C 58 -6.98 -17.77 -9.88
CA ARG C 58 -8.06 -16.77 -9.80
C ARG C 58 -9.29 -17.35 -9.12
N VAL C 59 -9.62 -18.61 -9.43
CA VAL C 59 -10.80 -19.26 -8.84
C VAL C 59 -10.57 -19.37 -7.33
N TYR C 60 -9.39 -19.86 -6.95
CA TYR C 60 -8.93 -19.96 -5.57
C TYR C 60 -9.16 -18.65 -4.83
N ASP C 61 -8.66 -17.54 -5.37
CA ASP C 61 -8.86 -16.28 -4.69
C ASP C 61 -10.31 -15.82 -4.68
N ILE C 62 -11.09 -16.22 -5.69
CA ILE C 62 -12.47 -15.73 -5.67
C ILE C 62 -13.27 -16.53 -4.64
N ILE C 63 -13.01 -17.83 -4.62
CA ILE C 63 -13.65 -18.67 -3.60
C ILE C 63 -13.27 -18.22 -2.19
N SER C 64 -11.99 -17.96 -1.95
CA SER C 64 -11.55 -17.45 -0.65
C SER C 64 -12.30 -16.19 -0.27
N ALA C 65 -12.44 -15.25 -1.21
CA ALA C 65 -13.25 -14.09 -0.80
C ALA C 65 -14.70 -14.45 -0.53
N LEU C 66 -15.24 -15.49 -1.17
CA LEU C 66 -16.65 -15.83 -0.92
C LEU C 66 -16.80 -16.35 0.50
N LYS C 67 -15.82 -17.14 0.94
CA LYS C 67 -15.76 -17.64 2.30
C LYS C 67 -15.92 -16.50 3.31
N SER C 68 -15.39 -15.33 3.00
CA SER C 68 -15.36 -14.24 3.97
C SER C 68 -16.73 -13.67 4.25
N PHE C 69 -17.69 -13.92 3.35
CA PHE C 69 -19.04 -13.40 3.61
C PHE C 69 -19.69 -14.20 4.74
N LEU C 70 -19.08 -15.35 5.06
CA LEU C 70 -19.66 -16.17 6.11
C LEU C 70 -19.04 -15.92 7.49
N ASP C 71 -18.10 -15.00 7.64
CA ASP C 71 -17.31 -14.73 8.83
C ASP C 71 -18.18 -14.73 10.11
N HIS C 72 -19.28 -14.01 10.07
CA HIS C 72 -20.24 -13.87 11.14
C HIS C 72 -21.53 -14.65 10.92
N GLU C 73 -21.55 -15.63 10.03
CA GLU C 73 -22.74 -16.39 9.66
C GLU C 73 -22.63 -17.83 10.14
N LYS C 74 -21.46 -18.20 10.63
CA LYS C 74 -21.36 -19.59 11.07
C LYS C 74 -22.22 -19.72 12.31
N GLY C 75 -22.54 -20.94 12.76
CA GLY C 75 -23.56 -20.83 13.84
C GLY C 75 -24.93 -21.00 13.21
N LYS C 76 -25.09 -20.51 11.97
CA LYS C 76 -26.20 -20.92 11.13
C LYS C 76 -25.75 -22.13 10.31
N GLU C 77 -26.55 -23.17 10.32
CA GLU C 77 -26.18 -24.49 9.81
C GLU C 77 -25.73 -24.40 8.36
N ILE C 78 -26.52 -23.76 7.53
CA ILE C 78 -26.27 -23.67 6.10
C ILE C 78 -25.02 -22.87 5.80
N ALA C 79 -24.74 -21.79 6.52
CA ALA C 79 -23.46 -21.10 6.35
C ALA C 79 -22.33 -22.11 6.54
N LYS C 80 -22.53 -23.02 7.50
CA LYS C 80 -21.53 -24.05 7.78
C LYS C 80 -21.34 -24.99 6.60
N ASN C 81 -22.44 -25.30 5.92
CA ASN C 81 -22.41 -26.18 4.75
C ASN C 81 -21.72 -25.50 3.56
N LEU C 82 -22.08 -24.25 3.30
CA LEU C 82 -21.39 -23.47 2.28
C LEU C 82 -19.89 -23.48 2.52
N ASP C 83 -19.53 -23.07 3.73
CA ASP C 83 -18.12 -22.95 4.09
C ASP C 83 -17.38 -24.25 3.85
N THR C 84 -18.11 -25.35 4.03
CA THR C 84 -17.46 -26.66 3.83
C THR C 84 -17.34 -26.97 2.34
N ILE C 85 -18.32 -26.53 1.55
CA ILE C 85 -18.23 -26.73 0.11
C ILE C 85 -17.04 -25.94 -0.44
N TYR C 86 -16.96 -24.68 -0.05
CA TYR C 86 -15.83 -23.81 -0.41
C TYR C 86 -14.51 -24.46 -0.04
N THR C 87 -14.46 -24.99 1.18
CA THR C 87 -13.24 -25.67 1.61
C THR C 87 -12.87 -26.79 0.66
N ILE C 88 -13.89 -27.55 0.25
CA ILE C 88 -13.60 -28.72 -0.59
C ILE C 88 -13.13 -28.28 -1.97
N ILE C 89 -13.69 -27.16 -2.41
CA ILE C 89 -13.25 -26.58 -3.69
C ILE C 89 -11.80 -26.14 -3.56
N LEU C 90 -11.45 -25.31 -2.58
CA LEU C 90 -10.04 -24.96 -2.36
C LEU C 90 -9.14 -26.17 -2.30
N ASN C 91 -9.53 -27.19 -1.53
CA ASN C 91 -8.68 -28.37 -1.42
C ASN C 91 -8.47 -29.02 -2.78
N THR C 92 -9.51 -28.90 -3.61
CA THR C 92 -9.46 -29.62 -4.88
C THR C 92 -8.69 -28.83 -5.91
N LEU C 93 -8.82 -27.51 -5.87
CA LEU C 93 -8.09 -26.71 -6.86
C LEU C 93 -6.60 -26.97 -6.85
N VAL C 94 -6.08 -27.25 -5.67
CA VAL C 94 -4.63 -27.20 -5.43
C VAL C 94 -4.01 -28.55 -5.28
N LYS C 95 -4.82 -29.63 -5.24
CA LYS C 95 -4.22 -30.95 -5.07
C LYS C 95 -3.57 -31.44 -6.35
N VAL C 96 -2.55 -32.27 -6.16
CA VAL C 96 -1.80 -32.81 -7.30
C VAL C 96 -2.66 -33.75 -8.14
N ASP C 97 -3.24 -34.74 -7.47
CA ASP C 97 -4.00 -35.84 -8.05
C ASP C 97 -5.37 -35.44 -8.55
N LYS C 98 -5.54 -34.26 -9.12
CA LYS C 98 -6.89 -33.85 -9.53
C LYS C 98 -7.16 -34.22 -10.98
N THR C 99 -8.45 -34.23 -11.32
CA THR C 99 -8.95 -34.58 -12.63
C THR C 99 -9.83 -33.46 -13.18
N LYS C 100 -10.03 -33.47 -14.49
CA LYS C 100 -10.90 -32.49 -15.14
C LYS C 100 -12.34 -32.69 -14.68
N GLU C 101 -12.70 -33.96 -14.49
CA GLU C 101 -14.05 -34.31 -14.05
C GLU C 101 -14.25 -33.72 -12.66
N GLU C 102 -13.22 -33.86 -11.83
CA GLU C 102 -13.24 -33.15 -10.54
C GLU C 102 -13.53 -31.68 -10.76
N LEU C 103 -12.74 -31.07 -11.65
CA LEU C 103 -12.97 -29.64 -11.90
C LEU C 103 -14.34 -29.40 -12.51
N GLN C 104 -14.81 -30.36 -13.31
CA GLN C 104 -16.15 -30.19 -13.91
C GLN C 104 -17.22 -30.33 -12.85
N LYS C 105 -17.03 -31.28 -11.92
CA LYS C 105 -17.97 -31.34 -10.80
C LYS C 105 -18.03 -30.03 -10.05
N ILE C 106 -16.86 -29.44 -9.77
CA ILE C 106 -16.90 -28.16 -9.06
C ILE C 106 -17.64 -27.08 -9.81
N LEU C 107 -17.43 -27.00 -11.13
CA LEU C 107 -18.13 -26.01 -11.95
C LEU C 107 -19.65 -26.18 -11.88
N GLU C 108 -20.17 -27.41 -11.81
CA GLU C 108 -21.64 -27.47 -11.75
C GLU C 108 -22.17 -27.05 -10.39
N ILE C 109 -21.45 -27.41 -9.33
CA ILE C 109 -21.83 -26.86 -8.01
C ILE C 109 -21.92 -25.34 -8.01
N LEU C 110 -20.88 -24.66 -8.50
CA LEU C 110 -20.91 -23.20 -8.49
C LEU C 110 -22.09 -22.64 -9.27
N LYS C 111 -22.39 -23.25 -10.41
CA LYS C 111 -23.53 -22.80 -11.22
C LYS C 111 -24.83 -22.97 -10.46
N ASP C 112 -25.04 -24.16 -9.88
CA ASP C 112 -26.20 -24.35 -9.02
C ASP C 112 -26.22 -23.30 -7.90
N LEU C 113 -25.09 -23.24 -7.17
CA LEU C 113 -25.02 -22.31 -6.06
C LEU C 113 -25.33 -20.92 -6.55
N ARG C 114 -24.84 -20.60 -7.75
CA ARG C 114 -25.09 -19.24 -8.26
C ARG C 114 -26.55 -19.06 -8.62
N GLU C 115 -27.16 -20.15 -9.08
CA GLU C 115 -28.60 -20.09 -9.39
C GLU C 115 -29.39 -19.74 -8.12
N ALA C 116 -29.18 -20.55 -7.10
CA ALA C 116 -29.80 -20.38 -5.79
C ALA C 116 -29.71 -18.92 -5.37
N TRP C 117 -28.49 -18.40 -5.25
CA TRP C 117 -28.29 -16.99 -4.97
C TRP C 117 -29.11 -16.14 -5.93
N GLU C 118 -29.17 -16.59 -7.20
CA GLU C 118 -29.90 -15.75 -8.16
C GLU C 118 -31.37 -15.70 -7.81
N GLU C 119 -31.99 -16.84 -7.56
CA GLU C 119 -33.38 -16.90 -7.08
C GLU C 119 -33.63 -15.90 -5.96
N VAL C 120 -32.86 -16.04 -4.89
CA VAL C 120 -32.88 -15.18 -3.71
C VAL C 120 -32.96 -13.71 -4.03
N LYS C 121 -32.37 -13.31 -5.15
CA LYS C 121 -32.31 -11.89 -5.53
C LYS C 121 -33.58 -11.47 -6.27
N ARG D 2 13.83 11.14 -8.35
CA ARG D 2 12.78 10.97 -9.34
C ARG D 2 11.35 11.20 -8.83
N ASN D 3 10.45 11.55 -9.74
CA ASN D 3 9.02 11.79 -9.58
C ASN D 3 8.46 11.10 -8.34
N ILE D 4 8.18 11.87 -7.29
CA ILE D 4 7.83 11.23 -6.02
C ILE D 4 6.49 10.53 -6.12
N ALA D 5 5.65 10.95 -7.06
CA ALA D 5 4.32 10.36 -7.24
C ALA D 5 4.36 8.87 -7.51
N GLU D 6 5.44 8.30 -8.01
CA GLU D 6 5.56 6.86 -8.20
C GLU D 6 5.48 6.07 -6.91
N ALA D 7 5.74 6.74 -5.79
CA ALA D 7 5.65 6.09 -4.49
C ALA D 7 4.25 5.53 -4.30
N TYR D 8 3.21 6.21 -4.78
CA TYR D 8 1.82 5.85 -4.59
C TYR D 8 1.03 5.58 -5.86
N PHE D 9 1.34 6.27 -6.94
CA PHE D 9 0.48 6.35 -8.11
C PHE D 9 1.12 5.91 -9.40
N GLN D 10 0.27 5.65 -10.40
CA GLN D 10 0.70 5.14 -11.70
C GLN D 10 1.18 6.27 -12.60
N ASN D 11 2.16 5.94 -13.42
CA ASN D 11 2.75 6.86 -14.36
C ASN D 11 1.81 7.79 -15.09
N MET D 12 0.71 7.42 -15.74
CA MET D 12 0.09 8.48 -16.56
C MET D 12 -1.24 8.97 -16.00
N VAL D 13 -1.48 8.95 -14.70
CA VAL D 13 -2.77 9.37 -14.15
C VAL D 13 -2.99 10.88 -14.07
N GLU D 14 -4.18 11.31 -14.47
CA GLU D 14 -4.57 12.71 -14.44
C GLU D 14 -5.63 12.99 -13.39
N THR D 15 -6.25 11.94 -12.85
CA THR D 15 -7.22 12.11 -11.76
C THR D 15 -6.53 12.62 -10.51
N ALA D 16 -6.99 13.72 -9.93
CA ALA D 16 -6.27 14.41 -8.87
C ALA D 16 -6.70 14.08 -7.45
N THR D 17 -7.90 13.52 -7.28
CA THR D 17 -8.43 13.33 -5.94
C THR D 17 -7.50 12.52 -5.04
N PRO D 18 -6.96 11.38 -5.43
CA PRO D 18 -6.17 10.60 -4.46
C PRO D 18 -4.94 11.39 -4.00
N LEU D 19 -4.38 12.15 -4.93
CA LEU D 19 -3.21 12.95 -4.64
C LEU D 19 -3.54 14.05 -3.66
N GLU D 20 -4.73 14.63 -3.82
CA GLU D 20 -5.15 15.64 -2.85
C GLU D 20 -5.33 15.00 -1.47
N GLN D 21 -5.70 13.73 -1.48
CA GLN D 21 -5.87 12.92 -0.29
C GLN D 21 -4.54 12.79 0.45
N ILE D 22 -3.51 12.42 -0.30
CA ILE D 22 -2.18 12.30 0.26
C ILE D 22 -1.71 13.61 0.88
N ILE D 23 -1.96 14.72 0.20
CA ILE D 23 -1.52 16.05 0.60
C ILE D 23 -2.27 16.54 1.82
N LEU D 24 -3.53 16.16 1.98
CA LEU D 24 -4.25 16.52 3.20
C LEU D 24 -3.66 15.80 4.42
N LEU D 25 -3.18 14.59 4.21
CA LEU D 25 -2.61 13.75 5.27
C LEU D 25 -1.33 14.38 5.82
N TYR D 26 -0.40 14.73 4.93
CA TYR D 26 0.71 15.59 5.29
C TYR D 26 0.28 16.85 6.03
N ASP D 27 -0.78 17.50 5.55
CA ASP D 27 -1.16 18.76 6.18
C ASP D 27 -1.52 18.53 7.65
N LYS D 28 -2.27 17.47 7.90
CA LYS D 28 -2.77 17.14 9.23
C LYS D 28 -1.61 16.76 10.17
N ALA D 29 -0.71 15.93 9.66
CA ALA D 29 0.50 15.53 10.35
C ALA D 29 1.33 16.75 10.72
N ILE D 30 1.54 17.64 9.76
CA ILE D 30 2.35 18.84 9.95
C ILE D 30 1.75 19.73 11.02
N GLU D 31 0.44 19.93 11.00
CA GLU D 31 -0.26 20.73 11.99
C GLU D 31 -0.17 20.14 13.39
N CYS D 32 -0.29 18.82 13.52
CA CYS D 32 -0.26 18.18 14.83
C CYS D 32 1.17 18.17 15.39
N LEU D 33 2.16 17.99 14.54
CA LEU D 33 3.55 18.02 14.97
C LEU D 33 3.95 19.44 15.37
N GLU D 34 3.40 20.40 14.65
CA GLU D 34 3.65 21.80 14.99
C GLU D 34 3.09 22.10 16.37
N ARG D 35 1.88 21.63 16.66
CA ARG D 35 1.34 21.86 18.00
C ARG D 35 2.16 21.18 19.09
N ALA D 36 2.50 19.92 18.89
CA ALA D 36 3.35 19.16 19.78
C ALA D 36 4.66 19.89 20.10
N ILE D 37 5.21 20.60 19.11
CA ILE D 37 6.49 21.27 19.30
C ILE D 37 6.35 22.52 20.15
N GLU D 38 5.34 23.30 19.82
CA GLU D 38 4.86 24.44 20.57
C GLU D 38 4.92 24.15 22.07
N ILE D 39 4.06 23.23 22.49
CA ILE D 39 3.89 22.90 23.89
C ILE D 39 4.90 21.91 24.44
N TYR D 40 5.93 21.53 23.70
CA TYR D 40 6.90 20.55 24.19
C TYR D 40 7.45 20.96 25.55
N ASP D 41 7.70 22.25 25.76
CA ASP D 41 8.45 22.58 26.99
C ASP D 41 7.50 22.83 28.16
N GLN D 42 6.21 22.73 27.90
CA GLN D 42 5.18 22.92 28.90
C GLN D 42 4.60 21.60 29.40
N VAL D 43 5.31 20.51 29.14
CA VAL D 43 4.76 19.19 29.46
C VAL D 43 4.73 18.89 30.96
N ASN D 44 5.30 19.77 31.79
CA ASN D 44 5.24 19.68 33.25
C ASN D 44 3.82 19.95 33.74
N GLU D 45 3.02 20.60 32.90
CA GLU D 45 1.61 20.79 33.20
C GLU D 45 0.79 19.65 32.59
N LEU D 46 -0.11 19.07 33.38
CA LEU D 46 -0.94 17.93 33.12
C LEU D 46 -1.65 17.99 31.77
N GLU D 47 -2.40 19.07 31.54
CA GLU D 47 -3.19 19.17 30.32
C GLU D 47 -2.30 19.22 29.08
N LYS D 48 -1.17 19.91 29.16
CA LYS D 48 -0.27 20.02 28.03
C LYS D 48 0.47 18.71 27.78
N ARG D 49 0.66 17.92 28.83
CA ARG D 49 1.33 16.64 28.58
C ARG D 49 0.37 15.74 27.80
N LYS D 50 -0.90 15.81 28.16
CA LYS D 50 -1.97 15.06 27.54
C LYS D 50 -2.12 15.42 26.06
N GLU D 51 -2.09 16.74 25.82
CA GLU D 51 -2.30 17.27 24.48
C GLU D 51 -1.11 16.92 23.60
N PHE D 52 0.05 16.89 24.24
CA PHE D 52 1.30 16.54 23.57
C PHE D 52 1.24 15.10 23.08
N VAL D 53 0.90 14.20 24.00
CA VAL D 53 0.81 12.78 23.69
C VAL D 53 -0.20 12.50 22.59
N GLU D 54 -1.36 13.15 22.68
CA GLU D 54 -2.44 13.08 21.72
C GLU D 54 -1.96 13.45 20.31
N ASN D 55 -1.39 14.64 20.18
CA ASN D 55 -0.88 15.13 18.92
C ASN D 55 0.20 14.22 18.34
N ILE D 56 1.04 13.67 19.20
CA ILE D 56 2.09 12.76 18.74
C ILE D 56 1.49 11.44 18.25
N ASP D 57 0.42 10.92 18.85
CA ASP D 57 -0.23 9.72 18.35
C ASP D 57 -0.84 9.93 16.95
N ARG D 58 -1.41 11.11 16.76
CA ARG D 58 -1.99 11.54 15.50
C ARG D 58 -0.91 11.55 14.43
N VAL D 59 0.20 12.22 14.71
CA VAL D 59 1.33 12.19 13.77
C VAL D 59 1.75 10.76 13.49
N TYR D 60 1.95 9.97 14.54
CA TYR D 60 2.33 8.58 14.34
C TYR D 60 1.31 7.84 13.48
N ASP D 61 0.03 8.11 13.73
CA ASP D 61 -1.00 7.36 13.04
C ASP D 61 -1.04 7.73 11.56
N ILE D 62 -0.95 9.04 11.30
CA ILE D 62 -0.98 9.51 9.92
C ILE D 62 0.25 9.02 9.16
N ILE D 63 1.43 9.07 9.74
CA ILE D 63 2.61 8.59 9.00
C ILE D 63 2.60 7.10 8.77
N SER D 64 2.07 6.36 9.75
CA SER D 64 1.93 4.92 9.58
C SER D 64 1.04 4.59 8.37
N ALA D 65 -0.04 5.32 8.21
CA ALA D 65 -0.94 5.22 7.07
C ALA D 65 -0.22 5.57 5.77
N LEU D 66 0.40 6.75 5.72
CA LEU D 66 1.25 7.14 4.59
C LEU D 66 2.23 6.04 4.22
N LYS D 67 2.83 5.39 5.22
CA LYS D 67 3.81 4.37 4.87
C LYS D 67 3.19 3.07 4.38
N SER D 68 2.07 2.72 4.99
CA SER D 68 1.33 1.50 4.64
C SER D 68 0.77 1.60 3.22
N PHE D 69 0.28 2.78 2.86
CA PHE D 69 -0.26 3.06 1.56
C PHE D 69 0.78 3.01 0.43
N LEU D 70 2.06 2.98 0.73
CA LEU D 70 3.05 3.05 -0.34
C LEU D 70 2.93 1.90 -1.32
N ASP D 71 3.15 2.20 -2.61
CA ASP D 71 3.07 1.11 -3.59
C ASP D 71 4.43 0.43 -3.69
N HIS D 72 4.70 -0.54 -2.81
CA HIS D 72 6.01 -1.18 -2.79
C HIS D 72 6.21 -2.02 -4.04
N GLU D 73 5.15 -2.66 -4.49
CA GLU D 73 5.23 -3.52 -5.67
C GLU D 73 5.59 -2.75 -6.94
N LYS D 74 4.96 -1.61 -7.19
CA LYS D 74 5.26 -0.95 -8.46
C LYS D 74 5.89 0.41 -8.28
N GLY D 75 6.38 0.71 -7.08
CA GLY D 75 6.77 2.08 -6.73
C GLY D 75 8.27 2.24 -6.90
N LYS D 76 8.93 1.15 -7.31
CA LYS D 76 10.34 1.30 -7.66
C LYS D 76 11.21 1.67 -6.45
N GLU D 77 12.37 2.28 -6.64
CA GLU D 77 13.20 2.68 -5.50
C GLU D 77 12.55 3.86 -4.80
N ILE D 78 11.61 4.48 -5.52
CA ILE D 78 10.98 5.70 -5.00
C ILE D 78 10.09 5.38 -3.80
N ALA D 79 9.28 4.34 -3.90
CA ALA D 79 8.46 3.92 -2.76
C ALA D 79 9.35 3.50 -1.60
N LYS D 80 10.37 2.71 -1.92
CA LYS D 80 11.28 2.17 -0.93
C LYS D 80 11.97 3.28 -0.15
N ASN D 81 12.48 4.29 -0.85
CA ASN D 81 13.19 5.37 -0.20
C ASN D 81 12.27 6.16 0.71
N LEU D 82 11.01 6.27 0.26
CA LEU D 82 10.05 6.99 1.09
C LEU D 82 9.76 6.18 2.35
N ASP D 83 9.73 4.86 2.15
CA ASP D 83 9.49 3.95 3.27
C ASP D 83 10.58 4.17 4.34
N THR D 84 11.85 4.08 3.95
CA THR D 84 12.99 4.33 4.82
C THR D 84 12.83 5.63 5.61
N ILE D 85 12.49 6.68 4.86
CA ILE D 85 12.37 7.97 5.55
C ILE D 85 11.24 7.93 6.55
N TYR D 86 10.10 7.37 6.15
CA TYR D 86 8.97 7.23 7.03
C TYR D 86 9.31 6.39 8.27
N THR D 87 10.02 5.31 8.04
CA THR D 87 10.42 4.43 9.13
C THR D 87 11.23 5.19 10.17
N ILE D 88 12.25 5.90 9.73
CA ILE D 88 13.04 6.72 10.65
C ILE D 88 12.13 7.66 11.42
N ILE D 89 11.24 8.35 10.73
CA ILE D 89 10.35 9.26 11.46
C ILE D 89 9.51 8.53 12.51
N LEU D 90 9.00 7.35 12.20
CA LEU D 90 8.15 6.63 13.12
C LEU D 90 8.96 6.12 14.30
N ASN D 91 10.19 5.68 14.04
CA ASN D 91 11.02 5.24 15.16
C ASN D 91 11.31 6.40 16.10
N THR D 92 11.40 7.62 15.56
CA THR D 92 11.66 8.77 16.43
C THR D 92 10.46 9.03 17.33
N LEU D 93 9.28 9.14 16.72
CA LEU D 93 8.07 9.47 17.47
C LEU D 93 7.82 8.46 18.59
N VAL D 94 8.29 7.23 18.42
CA VAL D 94 7.95 6.20 19.40
C VAL D 94 8.80 6.29 20.66
N LYS D 95 10.02 6.81 20.56
CA LYS D 95 10.92 6.78 21.72
C LYS D 95 10.54 7.82 22.77
N VAL D 96 10.77 7.41 24.01
CA VAL D 96 10.61 8.25 25.18
C VAL D 96 11.51 9.48 25.11
N ASP D 97 12.77 9.20 24.81
CA ASP D 97 13.83 10.20 24.79
C ASP D 97 13.89 10.95 23.47
N LYS D 98 12.76 11.51 23.03
CA LYS D 98 12.90 12.28 21.79
C LYS D 98 13.13 13.73 22.15
N THR D 99 14.08 14.39 21.49
CA THR D 99 14.33 15.79 21.84
C THR D 99 13.44 16.74 21.07
N LYS D 100 13.21 17.95 21.62
CA LYS D 100 12.40 18.92 20.90
C LYS D 100 13.00 19.17 19.52
N GLU D 101 14.31 19.08 19.43
CA GLU D 101 15.02 19.37 18.20
C GLU D 101 14.80 18.26 17.19
N GLU D 102 14.86 17.01 17.65
CA GLU D 102 14.55 15.87 16.82
C GLU D 102 13.20 16.06 16.14
N LEU D 103 12.26 16.63 16.89
CA LEU D 103 10.94 16.84 16.29
C LEU D 103 10.95 17.99 15.29
N GLN D 104 11.75 19.02 15.52
CA GLN D 104 11.67 20.20 14.66
C GLN D 104 12.28 19.89 13.29
N LYS D 105 13.17 18.90 13.29
CA LYS D 105 13.85 18.43 12.10
C LYS D 105 12.88 17.63 11.22
N ILE D 106 12.22 16.67 11.87
CA ILE D 106 11.18 15.86 11.23
C ILE D 106 10.15 16.79 10.61
N LEU D 107 9.85 17.91 11.28
CA LEU D 107 8.87 18.85 10.77
C LEU D 107 9.34 19.56 9.50
N GLU D 108 10.64 19.80 9.40
CA GLU D 108 11.13 20.46 8.20
C GLU D 108 11.10 19.45 7.06
N ILE D 109 11.55 18.25 7.40
CA ILE D 109 11.51 17.13 6.49
C ILE D 109 10.09 16.88 5.95
N LEU D 110 9.09 16.80 6.81
CA LEU D 110 7.73 16.60 6.33
C LEU D 110 7.29 17.76 5.46
N LYS D 111 7.72 18.95 5.82
CA LYS D 111 7.34 20.17 5.10
C LYS D 111 7.98 20.20 3.72
N ASP D 112 9.19 19.67 3.64
CA ASP D 112 9.83 19.59 2.33
C ASP D 112 9.07 18.56 1.50
N LEU D 113 8.80 17.40 2.08
CA LEU D 113 8.10 16.34 1.37
C LEU D 113 6.77 16.85 0.86
N ARG D 114 6.08 17.65 1.67
CA ARG D 114 4.78 18.15 1.25
C ARG D 114 4.90 19.07 0.02
N GLU D 115 5.98 19.84 -0.03
CA GLU D 115 6.23 20.76 -1.12
C GLU D 115 6.40 19.99 -2.43
N ALA D 116 7.22 18.93 -2.38
CA ALA D 116 7.36 18.00 -3.49
C ALA D 116 6.01 17.49 -3.98
N TRP D 117 5.09 17.15 -3.06
CA TRP D 117 3.77 16.66 -3.41
C TRP D 117 2.94 17.77 -4.06
N GLU D 118 3.11 19.00 -3.62
CA GLU D 118 2.42 20.14 -4.24
C GLU D 118 2.98 20.43 -5.63
N GLU D 119 4.26 20.22 -5.86
CA GLU D 119 4.89 20.27 -7.17
C GLU D 119 4.20 19.29 -8.13
N VAL D 120 4.20 18.01 -7.79
CA VAL D 120 3.53 16.99 -8.58
C VAL D 120 2.14 17.43 -8.99
N LYS D 121 1.37 17.92 -8.00
CA LYS D 121 0.00 18.32 -8.30
C LYS D 121 -0.02 19.43 -9.34
N LYS D 122 0.93 20.35 -9.19
CA LYS D 122 1.11 21.45 -10.12
C LYS D 122 1.33 20.90 -11.53
N LYS D 123 2.38 20.09 -11.64
CA LYS D 123 2.74 19.49 -12.92
C LYS D 123 1.57 18.68 -13.47
N VAL D 124 0.77 18.10 -12.59
CA VAL D 124 -0.30 17.24 -13.15
C VAL D 124 -1.38 18.11 -13.78
N HIS D 125 -1.60 19.29 -13.23
CA HIS D 125 -2.67 20.15 -13.75
C HIS D 125 -2.27 20.87 -15.03
N HIS D 126 -1.13 21.56 -15.01
CA HIS D 126 -0.69 22.28 -16.21
C HIS D 126 0.01 21.34 -17.19
#